data_4DF0
#
_entry.id   4DF0
#
_cell.length_a   171.610
_cell.length_b   171.610
_cell.length_c   171.610
_cell.angle_alpha   90.00
_cell.angle_beta   90.00
_cell.angle_gamma   90.00
#
_symmetry.space_group_name_H-M   'I 41 3 2'
#
loop_
_entity.id
_entity.type
_entity.pdbx_description
1 polymer "Orotidine 5'-phosphate decarboxylase"
2 non-polymer 'NICKEL (II) ION'
3 non-polymer 'SULFATE ION'
4 non-polymer 'CHLORIDE ION'
5 water water
#
_entity_poly.entity_id   1
_entity_poly.type   'polypeptide(L)'
_entity_poly.pdbx_seq_one_letter_code
;MAANLPLVVALDTEVLKAIDVAKRLKGAVAGFKVGWDLIFEGGISIVGEIARYGNVIVDLKIADVPHVASRVVEKLVNRG
ACCVIVHGFLHPSLPRGQHVYVLVKMTAPTIYDEMWEKLLNSVQDVRGFVLPGNQPEVVAQARKRIGCSYRIISPGIGPQ
GGRPGAAIEAGADFEIVGRYVLEDPARISQWAQYRPTCFETP
;
_entity_poly.pdbx_strand_id   A,B
#
# COMPACT_ATOMS: atom_id res chain seq x y z
N ASN A 4 14.14 27.25 -3.65
CA ASN A 4 12.79 26.75 -3.86
C ASN A 4 12.01 26.66 -2.56
N LEU A 5 10.70 26.52 -2.68
CA LEU A 5 9.84 26.49 -1.51
C LEU A 5 9.85 25.08 -0.91
N PRO A 6 9.74 24.96 0.43
CA PRO A 6 9.81 23.67 1.12
C PRO A 6 8.51 22.86 1.04
N LEU A 7 8.10 22.61 -0.18
CA LEU A 7 6.79 22.08 -0.51
C LEU A 7 6.95 20.95 -1.51
N VAL A 8 6.33 19.82 -1.23
CA VAL A 8 6.24 18.73 -2.18
C VAL A 8 4.79 18.67 -2.63
N VAL A 9 4.56 18.84 -3.93
CA VAL A 9 3.21 18.92 -4.46
C VAL A 9 2.67 17.55 -4.87
N ALA A 10 1.58 17.13 -4.23
CA ALA A 10 0.97 15.86 -4.56
C ALA A 10 0.19 15.99 -5.85
N LEU A 11 0.55 15.18 -6.83
CA LEU A 11 -0.08 15.21 -8.15
C LEU A 11 -1.19 14.18 -8.27
N ASP A 12 -2.23 14.38 -7.47
CA ASP A 12 -3.36 13.46 -7.49
C ASP A 12 -4.40 13.94 -8.49
N THR A 13 -4.11 13.64 -9.75
CA THR A 13 -4.87 14.18 -10.87
C THR A 13 -4.50 13.34 -12.09
N GLU A 14 -5.02 13.73 -13.25
CA GLU A 14 -4.79 12.99 -14.48
C GLU A 14 -3.37 13.20 -15.01
N VAL A 15 -2.88 12.23 -15.76
CA VAL A 15 -1.53 12.26 -16.32
C VAL A 15 -1.13 13.58 -16.97
N LEU A 16 -1.90 14.04 -17.96
CA LEU A 16 -1.46 15.22 -18.68
C LEU A 16 -1.51 16.45 -17.77
N LYS A 17 -2.51 16.52 -16.90
CA LYS A 17 -2.61 17.66 -15.99
C LYS A 17 -1.49 17.66 -14.96
N ALA A 18 -1.07 16.46 -14.55
CA ALA A 18 0.04 16.33 -13.63
C ALA A 18 1.33 16.81 -14.28
N ILE A 19 1.55 16.43 -15.53
CA ILE A 19 2.74 16.88 -16.25
C ILE A 19 2.71 18.40 -16.40
N ASP A 20 1.54 18.95 -16.69
CA ASP A 20 1.40 20.39 -16.81
C ASP A 20 1.78 21.10 -15.52
N VAL A 21 1.34 20.58 -14.38
CA VAL A 21 1.69 21.19 -13.10
C VAL A 21 3.18 21.08 -12.81
N ALA A 22 3.76 19.92 -13.09
CA ALA A 22 5.19 19.73 -12.87
C ALA A 22 6.03 20.65 -13.74
N LYS A 23 5.63 20.79 -15.01
CA LYS A 23 6.29 21.75 -15.90
C LYS A 23 6.20 23.17 -15.35
N ARG A 24 5.00 23.53 -14.90
CA ARG A 24 4.76 24.87 -14.40
C ARG A 24 5.58 25.16 -13.15
N LEU A 25 5.69 24.18 -12.27
CA LEU A 25 6.29 24.39 -10.96
C LEU A 25 7.74 23.91 -10.86
N LYS A 26 8.30 23.43 -11.96
CA LYS A 26 9.70 22.98 -11.93
C LYS A 26 10.58 24.10 -11.38
N GLY A 27 11.43 23.76 -10.42
CA GLY A 27 12.31 24.74 -9.81
C GLY A 27 11.67 25.66 -8.79
N ALA A 28 10.35 25.62 -8.66
CA ALA A 28 9.69 26.50 -7.69
C ALA A 28 9.37 25.75 -6.40
N VAL A 29 9.24 24.43 -6.50
CA VAL A 29 8.93 23.62 -5.33
C VAL A 29 10.00 22.55 -5.15
N ALA A 30 9.97 21.87 -4.01
CA ALA A 30 11.01 20.90 -3.66
C ALA A 30 10.84 19.56 -4.32
N GLY A 31 9.63 19.23 -4.75
CA GLY A 31 9.39 17.97 -5.41
C GLY A 31 7.92 17.69 -5.63
N PHE A 32 7.62 16.49 -6.11
CA PHE A 32 6.29 16.06 -6.48
C PHE A 32 6.03 14.69 -5.89
N LYS A 33 4.79 14.45 -5.48
CA LYS A 33 4.39 13.14 -4.97
C LYS A 33 3.45 12.48 -5.96
N VAL A 34 3.81 11.27 -6.38
CA VAL A 34 3.08 10.50 -7.39
C VAL A 34 2.48 9.29 -6.69
N GLY A 35 1.18 9.07 -6.90
CA GLY A 35 0.45 8.00 -6.24
C GLY A 35 -0.35 7.11 -7.18
N TRP A 36 -1.33 6.37 -6.65
CA TRP A 36 -2.07 5.44 -7.49
C TRP A 36 -2.91 6.15 -8.54
N ASP A 37 -3.40 7.35 -8.27
CA ASP A 37 -4.20 8.06 -9.29
C ASP A 37 -3.43 8.08 -10.61
N LEU A 38 -2.18 8.51 -10.54
CA LEU A 38 -1.36 8.58 -11.77
C LEU A 38 -0.94 7.22 -12.30
N ILE A 39 -0.55 6.31 -11.42
CA ILE A 39 -0.03 5.03 -11.87
C ILE A 39 -1.16 4.17 -12.48
N PHE A 40 -2.37 4.29 -11.96
CA PHE A 40 -3.51 3.59 -12.55
C PHE A 40 -3.74 3.96 -14.01
N GLU A 41 -3.51 5.22 -14.34
CA GLU A 41 -3.90 5.72 -15.68
C GLU A 41 -3.13 5.03 -16.82
N GLY A 42 -1.81 5.00 -16.73
CA GLY A 42 -1.02 4.37 -17.77
C GLY A 42 0.08 3.44 -17.29
N GLY A 43 0.26 3.34 -15.97
CA GLY A 43 1.31 2.50 -15.44
C GLY A 43 2.47 3.31 -14.87
N ILE A 44 3.55 2.61 -14.58
CA ILE A 44 4.70 3.17 -13.87
C ILE A 44 5.48 4.20 -14.70
N SER A 45 5.26 4.23 -16.01
CA SER A 45 6.00 5.18 -16.84
C SER A 45 5.82 6.63 -16.39
N ILE A 46 4.70 6.94 -15.76
CA ILE A 46 4.43 8.31 -15.36
C ILE A 46 5.48 8.81 -14.36
N VAL A 47 6.07 7.89 -13.61
CA VAL A 47 7.09 8.27 -12.65
C VAL A 47 8.25 8.95 -13.38
N GLY A 48 8.67 8.35 -14.49
CA GLY A 48 9.78 8.90 -15.25
C GLY A 48 9.47 10.23 -15.89
N GLU A 49 8.23 10.43 -16.34
CA GLU A 49 7.85 11.72 -16.91
C GLU A 49 7.90 12.83 -15.88
N ILE A 50 7.32 12.60 -14.69
CA ILE A 50 7.36 13.63 -13.67
C ILE A 50 8.79 13.89 -13.19
N ALA A 51 9.59 12.83 -13.14
CA ALA A 51 10.95 12.94 -12.65
C ALA A 51 11.83 13.82 -13.52
N ARG A 52 11.39 14.09 -14.75
CA ARG A 52 12.10 15.05 -15.59
C ARG A 52 12.13 16.44 -14.97
N TYR A 53 11.11 16.77 -14.18
CA TYR A 53 10.87 18.15 -13.75
C TYR A 53 11.20 18.40 -12.30
N GLY A 54 11.46 17.35 -11.55
CA GLY A 54 11.89 17.52 -10.17
C GLY A 54 11.95 16.20 -9.43
N ASN A 55 12.35 16.27 -8.17
CA ASN A 55 12.39 15.09 -7.30
C ASN A 55 11.02 14.47 -7.13
N VAL A 56 10.94 13.17 -7.37
CA VAL A 56 9.67 12.46 -7.27
C VAL A 56 9.66 11.51 -6.08
N ILE A 57 8.72 11.74 -5.17
CA ILE A 57 8.44 10.80 -4.11
C ILE A 57 7.25 9.96 -4.56
N VAL A 58 7.44 8.66 -4.69
CA VAL A 58 6.31 7.79 -5.02
C VAL A 58 5.67 7.36 -3.72
N ASP A 59 4.38 7.62 -3.62
CA ASP A 59 3.62 7.27 -2.41
C ASP A 59 2.49 6.29 -2.75
N LEU A 60 2.82 4.99 -2.65
CA LEU A 60 1.85 3.92 -2.73
C LEU A 60 1.77 3.25 -1.36
N LYS A 61 2.15 3.98 -0.31
CA LYS A 61 2.03 3.46 1.06
C LYS A 61 2.51 2.01 1.12
N ILE A 62 3.74 1.78 0.65
CA ILE A 62 4.18 0.41 0.41
C ILE A 62 4.18 -0.42 1.69
N ALA A 63 3.51 -1.57 1.61
CA ALA A 63 3.34 -2.44 2.76
C ALA A 63 3.22 -3.89 2.33
N ASP A 64 4.33 -4.43 1.84
CA ASP A 64 4.34 -5.82 1.42
C ASP A 64 5.56 -6.51 2.02
N VAL A 65 5.61 -7.82 1.87
CA VAL A 65 6.72 -8.62 2.42
C VAL A 65 8.02 -8.29 1.70
N PRO A 66 9.16 -8.58 2.34
CA PRO A 66 10.42 -8.04 1.84
C PRO A 66 10.75 -8.35 0.37
N HIS A 67 10.58 -9.57 -0.10
CA HIS A 67 11.02 -9.84 -1.45
C HIS A 67 10.13 -9.13 -2.47
N VAL A 68 8.88 -8.86 -2.09
CA VAL A 68 7.98 -8.12 -2.97
C VAL A 68 8.25 -6.62 -2.86
N ALA A 69 8.34 -6.12 -1.64
CA ALA A 69 8.64 -4.70 -1.44
C ALA A 69 9.96 -4.32 -2.11
N SER A 70 10.95 -5.20 -2.02
CA SER A 70 12.24 -4.96 -2.69
C SER A 70 12.09 -4.74 -4.18
N ARG A 71 11.37 -5.64 -4.83
CA ARG A 71 11.13 -5.55 -6.27
C ARG A 71 10.36 -4.26 -6.61
N VAL A 72 9.37 -3.93 -5.79
CA VAL A 72 8.53 -2.77 -6.07
C VAL A 72 9.32 -1.47 -5.97
N VAL A 73 10.08 -1.34 -4.89
CA VAL A 73 10.92 -0.16 -4.69
C VAL A 73 11.93 -0.05 -5.83
N GLU A 74 12.57 -1.16 -6.16
CA GLU A 74 13.53 -1.14 -7.26
C GLU A 74 12.93 -0.66 -8.58
N LYS A 75 11.76 -1.17 -8.94
CA LYS A 75 11.11 -0.75 -10.17
C LYS A 75 10.86 0.77 -10.13
N LEU A 76 10.39 1.27 -8.98
CA LEU A 76 10.09 2.69 -8.87
C LEU A 76 11.32 3.58 -8.96
N VAL A 77 12.37 3.24 -8.23
CA VAL A 77 13.61 4.01 -8.28
C VAL A 77 14.19 3.94 -9.70
N ASN A 78 14.13 2.77 -10.32
CA ASN A 78 14.65 2.63 -11.68
C ASN A 78 13.94 3.52 -12.68
N ARG A 79 12.66 3.81 -12.42
CA ARG A 79 11.90 4.66 -13.32
C ARG A 79 12.11 6.14 -13.03
N GLY A 80 12.89 6.45 -11.98
CA GLY A 80 13.31 7.81 -11.72
C GLY A 80 12.94 8.36 -10.36
N ALA A 81 12.22 7.57 -9.56
CA ALA A 81 11.85 8.06 -8.24
C ALA A 81 13.06 8.37 -7.38
N CYS A 82 13.00 9.48 -6.66
N CYS A 82 13.05 9.50 -6.67
CA CYS A 82 14.03 9.88 -5.71
CA CYS A 82 14.11 9.77 -5.71
C CYS A 82 13.92 9.07 -4.43
C CYS A 82 13.93 8.87 -4.50
N CYS A 83 12.68 8.71 -4.08
CA CYS A 83 12.42 7.95 -2.88
C CYS A 83 10.98 7.48 -2.85
N VAL A 84 10.67 6.63 -1.88
CA VAL A 84 9.37 6.01 -1.79
C VAL A 84 8.91 6.03 -0.34
N ILE A 85 7.61 6.12 -0.15
CA ILE A 85 7.05 6.04 1.18
C ILE A 85 6.61 4.60 1.48
N VAL A 86 7.06 4.09 2.62
CA VAL A 86 6.69 2.75 3.07
C VAL A 86 6.11 2.82 4.48
N HIS A 87 5.32 1.81 4.84
CA HIS A 87 4.72 1.73 6.17
C HIS A 87 5.66 1.18 7.23
N GLY A 88 5.80 1.92 8.31
CA GLY A 88 6.59 1.49 9.44
C GLY A 88 6.03 0.27 10.15
N PHE A 89 4.73 -0.01 9.98
N PHE A 89 4.74 0.00 9.97
CA PHE A 89 4.15 -1.13 10.72
CA PHE A 89 4.09 -1.10 10.66
C PHE A 89 4.72 -2.48 10.29
C PHE A 89 4.72 -2.45 10.30
N LEU A 90 5.41 -2.49 9.16
CA LEU A 90 6.08 -3.70 8.66
C LEU A 90 7.22 -4.16 9.57
N HIS A 91 7.75 -3.27 10.39
CA HIS A 91 8.87 -3.57 11.28
C HIS A 91 8.65 -4.87 12.05
N PRO A 92 9.69 -5.73 12.10
CA PRO A 92 11.07 -5.55 11.61
C PRO A 92 11.32 -5.81 10.14
N SER A 93 10.28 -6.20 9.38
CA SER A 93 10.43 -6.47 7.95
C SER A 93 10.28 -5.18 7.15
N LEU A 94 11.16 -4.23 7.43
CA LEU A 94 11.03 -2.87 6.91
C LEU A 94 12.04 -2.59 5.81
N PRO A 95 11.57 -2.16 4.63
CA PRO A 95 12.52 -1.72 3.61
C PRO A 95 13.36 -0.58 4.16
N ARG A 96 14.66 -0.60 3.87
CA ARG A 96 15.54 0.45 4.35
C ARG A 96 16.47 0.97 3.26
N GLY A 97 17.27 1.95 3.60
CA GLY A 97 18.13 2.61 2.63
C GLY A 97 17.76 4.06 2.40
N GLN A 98 18.64 4.77 1.70
CA GLN A 98 18.48 6.20 1.51
C GLN A 98 17.32 6.59 0.60
N HIS A 99 16.70 5.62 -0.06
N HIS A 99 16.68 5.61 -0.02
CA HIS A 99 15.55 5.90 -0.91
CA HIS A 99 15.55 5.85 -0.90
C HIS A 99 14.22 5.77 -0.16
C HIS A 99 14.24 5.54 -0.20
N VAL A 100 14.27 5.42 1.12
CA VAL A 100 13.07 5.04 1.88
C VAL A 100 12.67 6.07 2.93
N TYR A 101 11.42 6.55 2.81
CA TYR A 101 10.75 7.29 3.87
C TYR A 101 9.82 6.35 4.62
N VAL A 102 9.90 6.35 5.94
CA VAL A 102 9.06 5.47 6.76
C VAL A 102 7.93 6.24 7.44
N LEU A 103 6.71 5.86 7.11
N LEU A 103 6.71 5.87 7.12
CA LEU A 103 5.52 6.41 7.76
CA LEU A 103 5.56 6.49 7.77
C LEU A 103 5.39 5.80 9.16
C LEU A 103 5.33 5.82 9.13
N VAL A 104 5.28 6.63 10.19
CA VAL A 104 5.12 6.10 11.56
C VAL A 104 3.89 6.61 12.30
N LYS A 105 3.14 7.51 11.69
CA LYS A 105 1.85 7.93 12.23
C LYS A 105 1.11 8.53 11.05
N MET A 106 -0.20 8.28 10.95
CA MET A 106 -0.98 8.80 9.81
C MET A 106 -1.78 10.03 10.20
N THR A 107 -2.39 10.66 9.21
CA THR A 107 -3.19 11.86 9.44
C THR A 107 -4.55 11.50 10.03
N ALA A 108 -4.91 10.21 9.99
CA ALA A 108 -6.16 9.70 10.56
C ALA A 108 -5.84 8.70 11.66
N PRO A 109 -6.83 8.37 12.51
CA PRO A 109 -6.53 7.45 13.61
C PRO A 109 -6.22 6.04 13.11
N THR A 110 -5.13 5.46 13.60
CA THR A 110 -4.73 4.11 13.23
C THR A 110 -3.99 3.48 14.40
N ILE A 111 -3.57 2.23 14.23
CA ILE A 111 -2.83 1.54 15.28
C ILE A 111 -1.46 2.18 15.57
N TYR A 112 -0.95 2.99 14.63
CA TYR A 112 0.24 3.77 14.92
C TYR A 112 0.12 4.65 16.17
N ASP A 113 -1.09 5.09 16.47
CA ASP A 113 -1.25 6.13 17.48
C ASP A 113 -0.70 5.75 18.85
N GLU A 114 -0.82 4.48 19.19
CA GLU A 114 -0.37 3.99 20.49
C GLU A 114 1.14 3.73 20.58
N MET A 115 1.84 3.83 19.46
CA MET A 115 3.23 3.34 19.42
C MET A 115 4.18 4.13 18.54
N TRP A 116 3.75 5.26 18.00
CA TRP A 116 4.53 5.92 16.98
C TRP A 116 5.92 6.35 17.43
N GLU A 117 6.05 6.79 18.68
CA GLU A 117 7.35 7.30 19.11
C GLU A 117 8.35 6.17 19.37
N LYS A 118 7.86 5.07 19.90
CA LYS A 118 8.68 3.87 20.08
C LYS A 118 9.14 3.35 18.73
N LEU A 119 8.21 3.32 17.77
CA LEU A 119 8.55 2.87 16.42
C LEU A 119 9.60 3.77 15.79
N LEU A 120 9.37 5.08 15.88
CA LEU A 120 10.30 6.08 15.36
C LEU A 120 11.69 5.87 15.92
N ASN A 121 11.76 5.63 17.22
CA ASN A 121 13.06 5.52 17.89
C ASN A 121 13.78 4.24 17.49
N SER A 122 13.02 3.24 17.04
CA SER A 122 13.62 1.95 16.71
C SER A 122 14.18 1.87 15.29
N VAL A 123 13.72 2.76 14.42
CA VAL A 123 14.09 2.68 13.01
C VAL A 123 15.31 3.52 12.67
N GLN A 124 16.27 2.90 11.99
CA GLN A 124 17.42 3.65 11.48
C GLN A 124 17.75 3.21 10.05
N ASP A 125 18.77 3.84 9.46
CA ASP A 125 19.20 3.48 8.11
C ASP A 125 18.10 3.70 7.08
N VAL A 126 17.37 4.80 7.22
CA VAL A 126 16.38 5.21 6.22
C VAL A 126 16.61 6.66 5.86
N ARG A 127 15.96 7.14 4.81
CA ARG A 127 16.08 8.54 4.44
C ARG A 127 15.42 9.46 5.47
N GLY A 128 14.27 9.03 5.98
CA GLY A 128 13.54 9.89 6.89
C GLY A 128 12.20 9.30 7.23
N PHE A 129 11.35 10.14 7.83
CA PHE A 129 10.07 9.68 8.35
C PHE A 129 8.96 10.59 7.85
N VAL A 130 7.77 9.99 7.74
CA VAL A 130 6.56 10.74 7.45
C VAL A 130 5.78 10.89 8.76
N LEU A 131 5.49 12.14 9.12
N LEU A 131 5.52 12.14 9.13
CA LEU A 131 4.73 12.46 10.33
CA LEU A 131 4.74 12.49 10.32
C LEU A 131 3.63 13.45 9.98
C LEU A 131 3.60 13.40 9.91
N PRO A 132 2.44 13.26 10.58
CA PRO A 132 1.26 14.02 10.16
C PRO A 132 1.34 15.51 10.51
N GLY A 133 1.31 16.37 9.49
CA GLY A 133 1.44 17.80 9.71
C GLY A 133 0.21 18.43 10.32
N ASN A 134 -0.90 17.69 10.36
CA ASN A 134 -2.08 18.17 11.07
C ASN A 134 -1.93 18.07 12.60
N GLN A 135 -0.80 17.52 13.02
CA GLN A 135 -0.48 17.40 14.44
C GLN A 135 0.92 17.93 14.68
N PRO A 136 1.07 19.26 14.68
CA PRO A 136 2.41 19.83 14.79
C PRO A 136 3.12 19.41 16.08
N GLU A 137 2.36 19.08 17.12
CA GLU A 137 2.99 18.63 18.36
C GLU A 137 3.71 17.31 18.15
N VAL A 138 3.17 16.46 17.28
CA VAL A 138 3.80 15.18 16.96
C VAL A 138 5.09 15.44 16.17
N VAL A 139 5.01 16.30 15.16
CA VAL A 139 6.18 16.68 14.40
C VAL A 139 7.28 17.21 15.32
N ALA A 140 6.93 18.07 16.28
CA ALA A 140 7.95 18.65 17.14
C ALA A 140 8.60 17.60 18.05
N GLN A 141 7.79 16.70 18.59
CA GLN A 141 8.32 15.66 19.45
C GLN A 141 9.24 14.73 18.65
N ALA A 142 8.83 14.41 17.43
CA ALA A 142 9.66 13.59 16.55
C ALA A 142 11.02 14.23 16.29
N ARG A 143 11.02 15.53 15.96
CA ARG A 143 12.27 16.22 15.67
C ARG A 143 13.15 16.27 16.91
N LYS A 144 12.52 16.40 18.07
CA LYS A 144 13.28 16.40 19.31
C LYS A 144 13.99 15.06 19.49
N ARG A 145 13.27 13.97 19.22
CA ARG A 145 13.85 12.64 19.35
C ARG A 145 15.01 12.38 18.41
N ILE A 146 14.87 12.81 17.16
CA ILE A 146 15.84 12.43 16.14
C ILE A 146 16.81 13.52 15.69
N GLY A 147 16.55 14.78 16.09
CA GLY A 147 17.38 15.88 15.64
C GLY A 147 17.43 15.91 14.13
N CYS A 148 18.53 16.41 13.56
CA CYS A 148 18.66 16.52 12.10
C CYS A 148 19.31 15.27 11.48
N SER A 149 19.18 14.14 12.17
CA SER A 149 19.74 12.88 11.67
C SER A 149 18.99 12.31 10.46
N TYR A 150 17.71 12.68 10.32
CA TYR A 150 16.86 12.18 9.24
C TYR A 150 15.92 13.29 8.78
N ARG A 151 15.41 13.16 7.56
CA ARG A 151 14.36 14.07 7.09
C ARG A 151 13.05 13.75 7.78
N ILE A 152 12.22 14.79 7.91
CA ILE A 152 10.80 14.61 8.23
C ILE A 152 10.00 15.33 7.16
N ILE A 153 9.07 14.60 6.54
CA ILE A 153 8.11 15.21 5.63
C ILE A 153 6.73 14.98 6.16
N SER A 154 5.83 15.93 5.88
CA SER A 154 4.53 15.95 6.54
C SER A 154 3.40 16.31 5.60
N PRO A 155 2.43 15.41 5.45
CA PRO A 155 1.18 15.77 4.79
C PRO A 155 0.25 16.43 5.79
N GLY A 156 -1.04 16.41 5.53
CA GLY A 156 -1.94 16.96 6.52
C GLY A 156 -1.86 18.47 6.61
N ILE A 157 -1.32 19.09 5.55
CA ILE A 157 -1.17 20.55 5.47
C ILE A 157 -2.12 21.11 4.42
N GLY A 158 -2.94 22.07 4.84
CA GLY A 158 -3.92 22.74 4.00
C GLY A 158 -5.24 22.88 4.75
N PRO A 159 -6.35 23.13 4.01
CA PRO A 159 -7.64 23.35 4.67
C PRO A 159 -8.04 22.22 5.62
N GLN A 160 -8.29 22.55 6.87
N GLN A 160 -8.31 22.53 6.87
CA GLN A 160 -8.76 21.58 7.85
CA GLN A 160 -8.78 21.52 7.82
C GLN A 160 -7.62 20.68 8.31
C GLN A 160 -7.62 20.76 8.47
N GLY A 161 -6.39 21.17 8.17
CA GLY A 161 -5.22 20.56 8.79
C GLY A 161 -4.30 21.64 9.31
N GLY A 162 -3.00 21.40 9.29
CA GLY A 162 -2.07 22.45 9.68
C GLY A 162 -2.04 23.51 8.60
N ARG A 163 -2.05 24.78 8.99
CA ARG A 163 -1.94 25.89 8.04
C ARG A 163 -0.55 25.86 7.42
N PRO A 164 -0.39 26.48 6.25
CA PRO A 164 0.91 26.44 5.56
C PRO A 164 2.04 26.81 6.51
N GLY A 165 3.06 25.96 6.56
CA GLY A 165 4.24 26.22 7.37
C GLY A 165 4.16 25.66 8.78
N ALA A 166 2.98 25.22 9.22
CA ALA A 166 2.82 24.76 10.59
C ALA A 166 3.72 23.58 10.90
N ALA A 167 3.81 22.63 9.97
CA ALA A 167 4.64 21.47 10.19
C ALA A 167 6.13 21.85 10.12
N ILE A 168 6.48 22.68 9.15
CA ILE A 168 7.86 23.16 9.03
C ILE A 168 8.31 23.89 10.30
N GLU A 169 7.48 24.78 10.80
CA GLU A 169 7.80 25.50 12.05
C GLU A 169 7.96 24.53 13.22
N ALA A 170 7.20 23.44 13.19
CA ALA A 170 7.26 22.45 14.27
C ALA A 170 8.48 21.54 14.13
N GLY A 171 9.19 21.64 13.01
CA GLY A 171 10.39 20.83 12.81
C GLY A 171 10.49 20.04 11.51
N ALA A 172 9.45 20.06 10.68
CA ALA A 172 9.52 19.31 9.43
C ALA A 172 10.50 19.91 8.43
N ASP A 173 10.93 19.09 7.47
CA ASP A 173 11.71 19.59 6.36
C ASP A 173 10.81 20.07 5.23
N PHE A 174 9.80 19.27 4.90
CA PHE A 174 8.90 19.59 3.77
C PHE A 174 7.48 19.27 4.10
N GLU A 175 6.57 20.10 3.59
CA GLU A 175 5.15 19.80 3.69
C GLU A 175 4.65 19.27 2.36
N ILE A 176 3.79 18.25 2.42
CA ILE A 176 3.20 17.63 1.24
C ILE A 176 1.78 18.17 1.09
N VAL A 177 1.50 18.81 -0.04
CA VAL A 177 0.21 19.46 -0.26
C VAL A 177 -0.35 19.07 -1.61
N GLY A 178 -1.66 18.80 -1.65
CA GLY A 178 -2.31 18.35 -2.87
C GLY A 178 -3.24 19.39 -3.46
N ARG A 179 -4.53 19.11 -3.35
CA ARG A 179 -5.59 19.89 -4.00
C ARG A 179 -5.50 21.38 -3.75
N TYR A 180 -5.14 21.80 -2.54
CA TYR A 180 -5.10 23.23 -2.26
C TYR A 180 -4.14 23.93 -3.20
N VAL A 181 -3.07 23.24 -3.57
CA VAL A 181 -2.14 23.81 -4.54
C VAL A 181 -2.57 23.54 -5.98
N LEU A 182 -3.02 22.33 -6.28
CA LEU A 182 -3.48 22.01 -7.64
C LEU A 182 -4.61 22.92 -8.13
N GLU A 183 -5.57 23.23 -7.27
CA GLU A 183 -6.69 24.07 -7.70
C GLU A 183 -6.24 25.51 -8.05
N ASP A 184 -5.11 25.95 -7.49
CA ASP A 184 -4.52 27.23 -7.86
C ASP A 184 -3.04 27.28 -7.45
N PRO A 185 -2.14 26.86 -8.36
CA PRO A 185 -0.71 26.80 -8.03
C PRO A 185 -0.10 28.14 -7.60
N ALA A 186 -0.77 29.25 -7.88
CA ALA A 186 -0.28 30.53 -7.41
C ALA A 186 -0.22 30.57 -5.88
N ARG A 187 -0.95 29.66 -5.23
CA ARG A 187 -1.00 29.62 -3.77
C ARG A 187 0.32 29.17 -3.13
N ILE A 188 1.24 28.66 -3.96
CA ILE A 188 2.52 28.26 -3.41
C ILE A 188 3.25 29.42 -2.72
N SER A 189 2.88 30.66 -3.07
CA SER A 189 3.51 31.82 -2.43
C SER A 189 3.33 31.84 -0.90
N GLN A 190 2.34 31.12 -0.38
CA GLN A 190 2.12 31.09 1.06
C GLN A 190 3.24 30.39 1.83
N TRP A 191 4.11 29.69 1.09
CA TRP A 191 5.24 29.00 1.70
C TRP A 191 6.55 29.76 1.55
N ALA A 192 6.48 30.96 0.98
CA ALA A 192 7.67 31.73 0.60
C ALA A 192 8.59 32.05 1.77
N GLN A 193 8.05 32.22 2.97
N GLN A 193 8.01 32.18 2.96
CA GLN A 193 8.86 32.64 4.11
CA GLN A 193 8.71 32.62 4.15
C GLN A 193 9.60 31.46 4.75
C GLN A 193 9.23 31.46 4.99
N TYR A 194 9.16 30.25 4.44
CA TYR A 194 9.64 29.07 5.15
C TYR A 194 10.83 28.37 4.50
N ARG A 195 11.69 27.78 5.32
CA ARG A 195 12.79 26.95 4.83
C ARG A 195 12.80 25.65 5.61
N PRO A 196 13.29 24.56 4.99
CA PRO A 196 13.32 23.28 5.72
C PRO A 196 14.12 23.39 7.01
N THR A 197 13.68 22.66 8.03
CA THR A 197 14.32 22.70 9.33
C THR A 197 15.75 22.14 9.31
N CYS A 198 15.95 21.02 8.61
CA CYS A 198 17.23 20.28 8.65
C CYS A 198 17.90 20.02 7.31
N PHE A 199 17.12 19.73 6.26
CA PHE A 199 17.65 19.29 4.98
C PHE A 199 17.17 20.16 3.82
N GLU A 200 18.08 20.45 2.88
CA GLU A 200 17.77 21.33 1.75
C GLU A 200 16.91 20.68 0.68
N THR A 201 16.94 19.35 0.61
CA THR A 201 16.16 18.61 -0.37
C THR A 201 15.43 17.48 0.32
N PRO A 202 14.31 17.02 -0.26
CA PRO A 202 13.59 15.88 0.31
C PRO A 202 14.35 14.59 0.04
N ASN B 4 -14.77 -26.30 -8.53
CA ASN B 4 -14.39 -25.40 -7.43
C ASN B 4 -13.08 -25.81 -6.77
N LEU B 5 -11.96 -25.61 -7.46
CA LEU B 5 -10.67 -25.71 -6.79
C LEU B 5 -10.54 -24.47 -5.91
N PRO B 6 -10.26 -24.67 -4.62
CA PRO B 6 -10.16 -23.59 -3.63
C PRO B 6 -8.84 -22.83 -3.76
N LEU B 7 -8.55 -22.37 -4.97
CA LEU B 7 -7.26 -21.77 -5.30
C LEU B 7 -7.44 -20.48 -6.07
N VAL B 8 -6.77 -19.44 -5.58
CA VAL B 8 -6.72 -18.16 -6.27
C VAL B 8 -5.29 -18.04 -6.80
N VAL B 9 -5.15 -17.88 -8.12
CA VAL B 9 -3.81 -17.86 -8.71
C VAL B 9 -3.29 -16.44 -8.83
N ALA B 10 -2.16 -16.19 -8.18
CA ALA B 10 -1.55 -14.87 -8.20
C ALA B 10 -0.80 -14.69 -9.50
N LEU B 11 -1.22 -13.71 -10.29
CA LEU B 11 -0.61 -13.42 -11.59
C LEU B 11 0.55 -12.44 -11.44
N ASP B 12 1.55 -12.88 -10.69
CA ASP B 12 2.75 -12.11 -10.42
C ASP B 12 3.71 -12.30 -11.59
N THR B 13 3.35 -11.73 -12.74
CA THR B 13 4.06 -11.97 -13.97
C THR B 13 3.76 -10.85 -14.98
N GLU B 14 4.27 -10.98 -16.20
CA GLU B 14 4.03 -9.95 -17.22
C GLU B 14 2.61 -10.01 -17.79
N VAL B 15 2.16 -8.89 -18.35
CA VAL B 15 0.80 -8.78 -18.85
C VAL B 15 0.40 -9.89 -19.84
N LEU B 16 1.16 -10.09 -20.91
CA LEU B 16 0.74 -11.07 -21.90
C LEU B 16 0.69 -12.49 -21.33
N LYS B 17 1.69 -12.84 -20.52
CA LYS B 17 1.71 -14.14 -19.84
C LYS B 17 0.53 -14.31 -18.88
N ALA B 18 0.17 -13.23 -18.21
CA ALA B 18 -0.94 -13.28 -17.26
C ALA B 18 -2.25 -13.55 -17.98
N ILE B 19 -2.44 -12.90 -19.13
CA ILE B 19 -3.62 -13.12 -19.96
C ILE B 19 -3.71 -14.58 -20.38
N ASP B 20 -2.60 -15.10 -20.89
CA ASP B 20 -2.57 -16.48 -21.37
C ASP B 20 -2.89 -17.46 -20.26
N VAL B 21 -2.24 -17.29 -19.11
CA VAL B 21 -2.48 -18.14 -17.94
C VAL B 21 -3.95 -18.09 -17.52
N ALA B 22 -4.53 -16.90 -17.52
CA ALA B 22 -5.91 -16.75 -17.09
C ALA B 22 -6.88 -17.40 -18.08
N LYS B 23 -6.59 -17.26 -19.36
CA LYS B 23 -7.39 -17.93 -20.39
C LYS B 23 -7.32 -19.44 -20.21
N ARG B 24 -6.11 -19.94 -19.95
CA ARG B 24 -5.91 -21.37 -19.78
C ARG B 24 -6.65 -21.90 -18.54
N LEU B 25 -6.68 -21.10 -17.48
CA LEU B 25 -7.25 -21.56 -16.21
C LEU B 25 -8.70 -21.16 -15.99
N LYS B 26 -9.28 -20.47 -16.97
CA LYS B 26 -10.68 -20.06 -16.88
C LYS B 26 -11.61 -21.18 -16.44
N GLY B 27 -12.31 -20.96 -15.33
CA GLY B 27 -13.25 -21.92 -14.81
C GLY B 27 -12.65 -23.09 -14.05
N ALA B 28 -11.32 -23.16 -14.00
CA ALA B 28 -10.64 -24.25 -13.30
C ALA B 28 -10.23 -23.86 -11.88
N VAL B 29 -10.17 -22.56 -11.63
CA VAL B 29 -9.74 -22.04 -10.33
C VAL B 29 -10.76 -21.04 -9.80
N ALA B 30 -10.58 -20.62 -8.55
CA ALA B 30 -11.56 -19.75 -7.90
C ALA B 30 -11.44 -18.29 -8.32
N GLY B 31 -10.26 -17.93 -8.83
CA GLY B 31 -10.01 -16.55 -9.18
C GLY B 31 -8.55 -16.24 -9.37
N PHE B 32 -8.27 -14.96 -9.63
CA PHE B 32 -6.93 -14.49 -9.94
C PHE B 32 -6.59 -13.31 -9.07
N LYS B 33 -5.34 -13.24 -8.61
CA LYS B 33 -4.89 -12.09 -7.83
C LYS B 33 -4.00 -11.22 -8.71
N VAL B 34 -4.43 -9.99 -8.91
CA VAL B 34 -3.74 -9.02 -9.74
C VAL B 34 -3.09 -8.03 -8.80
N GLY B 35 -1.80 -7.76 -9.01
CA GLY B 35 -1.06 -6.95 -8.07
C GLY B 35 -0.14 -5.93 -8.68
N TRP B 36 0.86 -5.55 -7.90
CA TRP B 36 1.85 -4.56 -8.27
C TRP B 36 2.38 -4.71 -9.69
N ASP B 37 2.85 -5.91 -9.98
CA ASP B 37 3.59 -6.12 -11.21
C ASP B 37 2.73 -5.82 -12.43
N LEU B 38 1.50 -6.32 -12.44
CA LEU B 38 0.61 -6.11 -13.58
C LEU B 38 0.15 -4.67 -13.75
N ILE B 39 -0.25 -4.02 -12.65
N ILE B 39 -0.25 -4.05 -12.64
CA ILE B 39 -0.71 -2.65 -12.75
CA ILE B 39 -0.69 -2.67 -12.64
C ILE B 39 0.43 -1.67 -13.08
C ILE B 39 0.43 -1.72 -13.10
N PHE B 40 1.65 -1.96 -12.64
CA PHE B 40 2.79 -1.12 -13.04
C PHE B 40 2.98 -1.17 -14.55
N GLU B 41 2.80 -2.34 -15.14
CA GLU B 41 3.06 -2.52 -16.56
C GLU B 41 1.92 -1.98 -17.40
N GLY B 42 0.69 -2.39 -17.06
CA GLY B 42 -0.46 -2.09 -17.89
C GLY B 42 -1.47 -1.09 -17.36
N GLY B 43 -1.17 -0.46 -16.22
CA GLY B 43 -2.13 0.42 -15.58
C GLY B 43 -3.35 -0.37 -15.17
N ILE B 44 -4.40 0.32 -14.73
CA ILE B 44 -5.58 -0.33 -14.18
C ILE B 44 -6.40 -1.15 -15.20
N SER B 45 -6.16 -0.92 -16.49
CA SER B 45 -6.91 -1.64 -17.52
C SER B 45 -6.72 -3.15 -17.42
N ILE B 46 -5.59 -3.57 -16.89
CA ILE B 46 -5.33 -5.00 -16.75
C ILE B 46 -6.36 -5.68 -15.88
N VAL B 47 -6.96 -4.95 -14.95
CA VAL B 47 -7.97 -5.54 -14.07
C VAL B 47 -9.16 -6.04 -14.88
N GLY B 48 -9.65 -5.20 -15.79
CA GLY B 48 -10.76 -5.55 -16.65
C GLY B 48 -10.44 -6.70 -17.59
N GLU B 49 -9.21 -6.74 -18.08
CA GLU B 49 -8.80 -7.80 -19.00
C GLU B 49 -8.77 -9.16 -18.31
N ILE B 50 -8.22 -9.23 -17.11
CA ILE B 50 -8.21 -10.49 -16.39
C ILE B 50 -9.60 -10.90 -15.92
N ALA B 51 -10.46 -9.91 -15.64
CA ALA B 51 -11.81 -10.19 -15.15
C ALA B 51 -12.65 -10.95 -16.18
N ARG B 52 -12.25 -10.87 -17.44
CA ARG B 52 -12.89 -11.63 -18.49
C ARG B 52 -12.80 -13.14 -18.25
N TYR B 53 -11.81 -13.56 -17.46
CA TYR B 53 -11.52 -14.98 -17.33
C TYR B 53 -11.80 -15.55 -15.94
N GLY B 54 -12.20 -14.69 -15.00
CA GLY B 54 -12.48 -15.15 -13.66
C GLY B 54 -12.53 -14.00 -12.66
N ASN B 55 -12.91 -14.31 -11.42
CA ASN B 55 -12.96 -13.32 -10.36
C ASN B 55 -11.58 -12.74 -10.14
N VAL B 56 -11.51 -11.42 -10.01
CA VAL B 56 -10.25 -10.75 -9.73
C VAL B 56 -10.19 -10.13 -8.34
N ILE B 57 -9.25 -10.62 -7.54
CA ILE B 57 -8.89 -9.97 -6.30
C ILE B 57 -7.70 -9.06 -6.57
N VAL B 58 -7.84 -7.77 -6.33
CA VAL B 58 -6.72 -6.86 -6.52
C VAL B 58 -5.94 -6.73 -5.21
N ASP B 59 -4.64 -6.95 -5.31
CA ASP B 59 -3.78 -6.92 -4.13
C ASP B 59 -2.67 -5.89 -4.32
N LEU B 60 -2.95 -4.67 -3.89
CA LEU B 60 -1.98 -3.60 -3.84
C LEU B 60 -1.75 -3.23 -2.37
N LYS B 61 -2.12 -4.14 -1.47
CA LYS B 61 -1.90 -3.93 -0.03
C LYS B 61 -2.34 -2.53 0.37
N ILE B 62 -3.54 -2.14 -0.02
CA ILE B 62 -3.97 -0.77 0.18
C ILE B 62 -3.91 -0.36 1.64
N ALA B 63 -3.26 0.78 1.90
CA ALA B 63 -2.96 1.17 3.24
C ALA B 63 -2.94 2.68 3.32
N ASP B 64 -4.02 3.31 2.87
CA ASP B 64 -4.10 4.76 2.91
C ASP B 64 -5.30 5.19 3.74
N VAL B 65 -5.39 6.48 4.03
CA VAL B 65 -6.50 7.00 4.80
C VAL B 65 -7.81 6.63 4.10
N PRO B 66 -8.88 6.43 4.86
CA PRO B 66 -10.05 5.71 4.34
C PRO B 66 -10.75 6.38 3.15
N HIS B 67 -10.71 7.70 3.04
CA HIS B 67 -11.34 8.32 1.88
C HIS B 67 -10.63 7.90 0.60
N VAL B 68 -9.30 7.89 0.66
CA VAL B 68 -8.49 7.46 -0.48
C VAL B 68 -8.69 5.97 -0.71
N ALA B 69 -8.61 5.19 0.35
CA ALA B 69 -8.74 3.74 0.25
C ALA B 69 -10.10 3.34 -0.32
N SER B 70 -11.17 3.94 0.19
CA SER B 70 -12.50 3.59 -0.27
C SER B 70 -12.70 3.95 -1.76
N ARG B 71 -12.16 5.08 -2.18
CA ARG B 71 -12.25 5.47 -3.58
C ARG B 71 -11.41 4.56 -4.48
N VAL B 72 -10.27 4.10 -3.97
CA VAL B 72 -9.42 3.17 -4.74
C VAL B 72 -10.13 1.83 -4.87
N VAL B 73 -10.73 1.36 -3.79
CA VAL B 73 -11.51 0.13 -3.84
C VAL B 73 -12.61 0.23 -4.89
N GLU B 74 -13.36 1.32 -4.84
CA GLU B 74 -14.48 1.50 -5.76
C GLU B 74 -14.01 1.55 -7.20
N LYS B 75 -12.91 2.26 -7.45
CA LYS B 75 -12.36 2.38 -8.79
C LYS B 75 -11.92 1.02 -9.34
N LEU B 76 -11.27 0.23 -8.50
CA LEU B 76 -10.87 -1.12 -8.90
C LEU B 76 -12.07 -2.01 -9.16
N VAL B 77 -13.09 -1.90 -8.30
CA VAL B 77 -14.30 -2.69 -8.46
C VAL B 77 -15.00 -2.29 -9.76
N ASN B 78 -15.10 -0.99 -9.99
CA ASN B 78 -15.68 -0.50 -11.24
C ASN B 78 -14.95 -0.99 -12.49
N ARG B 79 -13.65 -1.23 -12.37
CA ARG B 79 -12.87 -1.72 -13.50
C ARG B 79 -12.94 -3.24 -13.65
N GLY B 80 -13.61 -3.91 -12.72
CA GLY B 80 -13.83 -5.33 -12.85
C GLY B 80 -13.42 -6.19 -11.67
N ALA B 81 -12.85 -5.58 -10.64
CA ALA B 81 -12.40 -6.34 -9.49
C ALA B 81 -13.58 -6.79 -8.65
N CYS B 82 -13.48 -8.02 -8.15
N CYS B 82 -13.54 -8.03 -8.17
CA CYS B 82 -14.50 -8.61 -7.30
CA CYS B 82 -14.59 -8.48 -7.26
C CYS B 82 -14.27 -8.21 -5.84
C CYS B 82 -14.31 -7.93 -5.86
N CYS B 83 -13.03 -7.86 -5.51
CA CYS B 83 -12.67 -7.42 -4.18
C CYS B 83 -11.21 -7.00 -4.11
N VAL B 84 -10.85 -6.41 -2.98
CA VAL B 84 -9.59 -5.68 -2.87
C VAL B 84 -9.01 -5.90 -1.49
N ILE B 85 -7.71 -6.17 -1.41
CA ILE B 85 -7.04 -6.39 -0.12
C ILE B 85 -6.55 -5.07 0.46
N VAL B 86 -6.86 -4.86 1.74
CA VAL B 86 -6.45 -3.66 2.45
C VAL B 86 -5.80 -4.07 3.77
N HIS B 87 -4.95 -3.20 4.30
CA HIS B 87 -4.29 -3.43 5.58
C HIS B 87 -5.13 -3.09 6.80
N GLY B 88 -5.26 -4.08 7.68
CA GLY B 88 -6.02 -3.88 8.91
C GLY B 88 -5.40 -2.93 9.92
N PHE B 89 -4.10 -2.65 9.76
N PHE B 89 -4.10 -2.64 9.78
CA PHE B 89 -3.40 -1.78 10.70
CA PHE B 89 -3.46 -1.79 10.79
C PHE B 89 -4.03 -0.39 10.78
C PHE B 89 -3.98 -0.36 10.76
N LEU B 90 -4.75 -0.01 9.73
CA LEU B 90 -5.34 1.32 9.70
C LEU B 90 -6.57 1.46 10.59
N HIS B 91 -6.98 0.35 11.20
CA HIS B 91 -8.10 0.40 12.14
C HIS B 91 -7.83 1.48 13.19
N PRO B 92 -8.85 2.31 13.52
CA PRO B 92 -10.27 2.23 13.16
C PRO B 92 -10.64 2.97 11.87
N SER B 93 -9.65 3.48 11.16
CA SER B 93 -9.93 4.19 9.92
C SER B 93 -9.81 3.28 8.72
N LEU B 94 -10.64 2.24 8.71
CA LEU B 94 -10.60 1.19 7.71
C LEU B 94 -11.81 1.31 6.80
N PRO B 95 -11.65 1.03 5.50
CA PRO B 95 -12.85 0.99 4.66
C PRO B 95 -13.71 -0.21 5.05
N ARG B 96 -14.99 -0.18 4.72
CA ARG B 96 -15.90 -1.24 5.12
C ARG B 96 -16.54 -1.86 3.89
N GLY B 97 -17.25 -2.97 4.09
CA GLY B 97 -18.12 -3.47 3.04
C GLY B 97 -17.69 -4.73 2.32
N GLN B 98 -18.54 -5.16 1.39
CA GLN B 98 -18.42 -6.47 0.78
C GLN B 98 -17.28 -6.61 -0.23
N HIS B 99 -16.62 -5.51 -0.56
CA HIS B 99 -15.50 -5.58 -1.51
C HIS B 99 -14.15 -5.61 -0.83
N VAL B 100 -14.15 -5.62 0.49
CA VAL B 100 -12.93 -5.41 1.27
C VAL B 100 -12.46 -6.69 1.98
N TYR B 101 -11.28 -7.17 1.62
CA TYR B 101 -10.57 -8.17 2.41
C TYR B 101 -9.55 -7.44 3.29
N VAL B 102 -9.50 -7.81 4.56
CA VAL B 102 -8.63 -7.14 5.52
C VAL B 102 -7.49 -8.03 5.95
N LEU B 103 -6.27 -7.60 5.62
N LEU B 103 -6.27 -7.60 5.64
CA LEU B 103 -5.07 -8.30 6.04
CA LEU B 103 -5.09 -8.36 6.04
C LEU B 103 -4.81 -7.99 7.51
C LEU B 103 -4.76 -8.01 7.48
N VAL B 104 -4.68 -9.04 8.33
CA VAL B 104 -4.39 -8.82 9.76
C VAL B 104 -3.13 -9.50 10.28
N LYS B 105 -2.44 -10.25 9.42
CA LYS B 105 -1.15 -10.83 9.79
C LYS B 105 -0.47 -11.23 8.49
N MET B 106 0.85 -11.08 8.43
CA MET B 106 1.58 -11.34 7.19
C MET B 106 2.41 -12.60 7.31
N THR B 107 2.90 -13.07 6.17
CA THR B 107 3.78 -14.23 6.15
C THR B 107 5.16 -13.91 6.71
N ALA B 108 5.48 -12.62 6.79
CA ALA B 108 6.75 -12.13 7.34
C ALA B 108 6.48 -11.46 8.68
N PRO B 109 7.50 -11.36 9.55
CA PRO B 109 7.29 -10.74 10.86
C PRO B 109 7.03 -9.24 10.78
N THR B 110 5.95 -8.80 11.44
CA THR B 110 5.55 -7.39 11.45
C THR B 110 4.89 -7.05 12.78
N ILE B 111 4.51 -5.79 12.96
CA ILE B 111 3.83 -5.41 14.20
C ILE B 111 2.45 -6.10 14.37
N TYR B 112 1.89 -6.61 13.28
CA TYR B 112 0.65 -7.37 13.41
C TYR B 112 0.81 -8.54 14.38
N ASP B 113 2.03 -9.07 14.47
CA ASP B 113 2.18 -10.34 15.17
C ASP B 113 1.85 -10.27 16.66
N GLU B 114 1.97 -9.08 17.23
CA GLU B 114 1.65 -8.92 18.64
C GLU B 114 0.17 -8.63 18.91
N MET B 115 -0.65 -8.47 17.86
CA MET B 115 -2.02 -8.04 18.09
C MET B 115 -3.05 -8.55 17.08
N TRP B 116 -2.66 -9.48 16.22
CA TRP B 116 -3.49 -9.83 15.07
C TRP B 116 -4.87 -10.35 15.49
N GLU B 117 -4.93 -11.10 16.58
CA GLU B 117 -6.19 -11.72 16.98
C GLU B 117 -7.15 -10.68 17.54
N LYS B 118 -6.63 -9.75 18.32
CA LYS B 118 -7.44 -8.63 18.82
C LYS B 118 -7.96 -7.79 17.64
N LEU B 119 -7.12 -7.56 16.66
CA LEU B 119 -7.51 -6.79 15.49
C LEU B 119 -8.59 -7.54 14.73
N LEU B 120 -8.36 -8.82 14.49
CA LEU B 120 -9.33 -9.68 13.83
C LEU B 120 -10.73 -9.57 14.44
N ASN B 121 -10.79 -9.63 15.76
CA ASN B 121 -12.05 -9.58 16.50
C ASN B 121 -12.69 -8.19 16.50
N SER B 122 -11.90 -7.15 16.24
CA SER B 122 -12.37 -5.77 16.23
C SER B 122 -13.00 -5.36 14.90
N VAL B 123 -12.64 -6.07 13.83
CA VAL B 123 -13.09 -5.70 12.50
C VAL B 123 -14.36 -6.47 12.10
N GLN B 124 -15.41 -5.72 11.76
CA GLN B 124 -16.65 -6.33 11.29
C GLN B 124 -17.06 -5.68 9.97
N ASP B 125 -18.07 -6.22 9.33
CA ASP B 125 -18.70 -5.58 8.17
C ASP B 125 -17.71 -5.45 7.01
N VAL B 126 -16.93 -6.51 6.78
CA VAL B 126 -16.05 -6.61 5.61
C VAL B 126 -16.29 -7.97 4.96
N ARG B 127 -15.68 -8.22 3.81
CA ARG B 127 -15.87 -9.47 3.11
C ARG B 127 -15.14 -10.61 3.81
N GLY B 128 -13.96 -10.32 4.31
CA GLY B 128 -13.15 -11.39 4.88
C GLY B 128 -11.79 -10.91 5.28
N PHE B 129 -10.94 -11.87 5.64
CA PHE B 129 -9.62 -11.59 6.16
C PHE B 129 -8.57 -12.35 5.40
N VAL B 130 -7.37 -11.77 5.37
CA VAL B 130 -6.20 -12.44 4.80
C VAL B 130 -5.30 -12.86 5.96
N LEU B 131 -4.97 -14.15 6.03
CA LEU B 131 -4.14 -14.71 7.10
C LEU B 131 -3.10 -15.61 6.49
N PRO B 132 -1.90 -15.67 7.10
CA PRO B 132 -0.76 -16.36 6.46
C PRO B 132 -0.87 -17.88 6.50
N GLY B 133 -0.87 -18.49 5.32
CA GLY B 133 -0.99 -19.92 5.17
C GLY B 133 0.27 -20.69 5.58
N ASN B 134 1.38 -19.99 5.78
CA ASN B 134 2.57 -20.65 6.32
C ASN B 134 2.46 -20.77 7.84
N GLN B 135 1.33 -20.35 8.39
CA GLN B 135 1.06 -20.45 9.82
C GLN B 135 -0.35 -20.99 10.04
N PRO B 136 -0.56 -22.28 9.71
CA PRO B 136 -1.89 -22.87 9.79
C PRO B 136 -2.53 -22.66 11.17
N GLU B 137 -1.70 -22.62 12.22
CA GLU B 137 -2.24 -22.44 13.57
C GLU B 137 -2.99 -21.12 13.69
N VAL B 138 -2.57 -20.13 12.93
CA VAL B 138 -3.20 -18.81 12.97
C VAL B 138 -4.58 -18.87 12.30
N VAL B 139 -4.65 -19.57 11.18
CA VAL B 139 -5.92 -19.77 10.47
C VAL B 139 -6.92 -20.48 11.38
N ALA B 140 -6.46 -21.53 12.05
CA ALA B 140 -7.34 -22.29 12.92
C ALA B 140 -7.84 -21.46 14.10
N GLN B 141 -6.96 -20.66 14.68
CA GLN B 141 -7.35 -19.82 15.80
C GLN B 141 -8.34 -18.74 15.34
N ALA B 142 -8.12 -18.21 14.16
CA ALA B 142 -9.05 -17.24 13.59
C ALA B 142 -10.49 -17.80 13.50
N ARG B 143 -10.63 -19.06 13.10
CA ARG B 143 -11.96 -19.70 13.03
C ARG B 143 -12.62 -19.93 14.38
N LYS B 144 -11.83 -20.21 15.41
CA LYS B 144 -12.40 -20.34 16.75
C LYS B 144 -13.00 -19.00 17.15
N ARG B 145 -12.42 -17.92 16.63
CA ARG B 145 -12.89 -16.57 16.97
C ARG B 145 -14.05 -16.10 16.08
N ILE B 146 -13.92 -16.27 14.76
CA ILE B 146 -14.91 -15.68 13.85
C ILE B 146 -15.86 -16.68 13.19
N GLY B 147 -15.60 -17.98 13.34
CA GLY B 147 -16.37 -19.00 12.66
C GLY B 147 -16.47 -18.73 11.17
N CYS B 148 -17.63 -19.00 10.60
CA CYS B 148 -17.86 -18.77 9.17
C CYS B 148 -18.50 -17.41 8.89
N SER B 149 -18.33 -16.45 9.81
CA SER B 149 -18.94 -15.13 9.65
C SER B 149 -18.33 -14.35 8.49
N TYR B 150 -17.07 -14.64 8.18
CA TYR B 150 -16.35 -13.91 7.14
C TYR B 150 -15.44 -14.87 6.40
N ARG B 151 -15.05 -14.52 5.17
CA ARG B 151 -14.11 -15.35 4.42
C ARG B 151 -12.70 -15.25 5.00
N ILE B 152 -11.93 -16.31 4.80
CA ILE B 152 -10.48 -16.28 5.03
C ILE B 152 -9.75 -16.76 3.78
N ILE B 153 -8.85 -15.93 3.27
CA ILE B 153 -7.96 -16.36 2.20
C ILE B 153 -6.52 -16.28 2.68
N SER B 154 -5.67 -17.17 2.16
CA SER B 154 -4.31 -17.34 2.69
C SER B 154 -3.24 -17.50 1.61
N PRO B 155 -2.25 -16.58 1.58
CA PRO B 155 -1.02 -16.75 0.79
C PRO B 155 -0.02 -17.56 1.61
N GLY B 156 1.24 -17.59 1.19
CA GLY B 156 2.26 -18.31 1.94
C GLY B 156 2.17 -19.81 1.78
N ILE B 157 1.62 -20.25 0.65
CA ILE B 157 1.46 -21.66 0.31
C ILE B 157 2.39 -21.98 -0.85
N GLY B 158 3.24 -22.99 -0.67
CA GLY B 158 4.20 -23.36 -1.69
C GLY B 158 5.36 -24.11 -1.07
N PRO B 159 6.36 -24.45 -1.88
CA PRO B 159 7.53 -25.23 -1.46
C PRO B 159 8.27 -24.61 -0.28
N GLN B 160 8.17 -23.29 -0.16
CA GLN B 160 8.88 -22.54 0.86
C GLN B 160 7.94 -22.10 1.99
N GLY B 161 6.67 -22.43 1.85
CA GLY B 161 5.68 -22.06 2.85
C GLY B 161 4.89 -23.26 3.30
N GLY B 162 3.59 -23.06 3.49
CA GLY B 162 2.72 -24.17 3.84
C GLY B 162 2.49 -25.08 2.66
N ARG B 163 2.25 -26.36 2.95
CA ARG B 163 1.93 -27.36 1.96
C ARG B 163 0.57 -27.03 1.34
N PRO B 164 0.36 -27.41 0.07
CA PRO B 164 -0.96 -27.16 -0.52
C PRO B 164 -2.07 -27.77 0.33
N GLY B 165 -3.13 -27.01 0.60
CA GLY B 165 -4.22 -27.48 1.44
C GLY B 165 -4.03 -27.25 2.93
N ALA B 166 -2.80 -26.95 3.34
CA ALA B 166 -2.52 -26.73 4.76
C ALA B 166 -3.42 -25.65 5.36
N ALA B 167 -3.64 -24.57 4.62
CA ALA B 167 -4.44 -23.48 5.16
C ALA B 167 -5.92 -23.81 5.09
N ILE B 168 -6.35 -24.37 3.97
CA ILE B 168 -7.74 -24.80 3.83
C ILE B 168 -8.11 -25.80 4.95
N GLU B 169 -7.25 -26.78 5.20
CA GLU B 169 -7.51 -27.77 6.23
C GLU B 169 -7.61 -27.12 7.61
N ALA B 170 -6.83 -26.07 7.83
CA ALA B 170 -6.84 -25.33 9.08
C ALA B 170 -8.05 -24.42 9.22
N GLY B 171 -8.77 -24.21 8.12
CA GLY B 171 -9.96 -23.40 8.16
C GLY B 171 -10.16 -22.36 7.05
N ALA B 172 -9.16 -22.16 6.19
CA ALA B 172 -9.28 -21.16 5.13
C ALA B 172 -10.33 -21.54 4.08
N ASP B 173 -10.84 -20.53 3.39
CA ASP B 173 -11.68 -20.76 2.22
C ASP B 173 -10.86 -20.97 0.96
N PHE B 174 -9.86 -20.11 0.73
CA PHE B 174 -9.04 -20.22 -0.49
C PHE B 174 -7.59 -19.99 -0.19
N GLU B 175 -6.71 -20.70 -0.91
CA GLU B 175 -5.29 -20.43 -0.85
C GLU B 175 -4.85 -19.64 -2.07
N ILE B 176 -3.88 -18.75 -1.86
CA ILE B 176 -3.39 -17.90 -2.91
C ILE B 176 -1.98 -18.37 -3.27
N VAL B 177 -1.77 -18.74 -4.53
CA VAL B 177 -0.48 -19.25 -4.97
C VAL B 177 -0.07 -18.61 -6.29
N GLY B 178 1.18 -18.18 -6.36
CA GLY B 178 1.72 -17.51 -7.53
C GLY B 178 2.72 -18.34 -8.30
N ARG B 179 4.02 -18.07 -8.10
CA ARG B 179 5.07 -18.65 -8.93
C ARG B 179 4.98 -20.16 -9.10
N TYR B 180 4.73 -20.88 -8.01
CA TYR B 180 4.67 -22.33 -8.04
C TYR B 180 3.70 -22.85 -9.10
N VAL B 181 2.52 -22.23 -9.18
CA VAL B 181 1.53 -22.62 -10.18
C VAL B 181 1.87 -22.07 -11.57
N LEU B 182 2.36 -20.83 -11.63
CA LEU B 182 2.72 -20.23 -12.91
C LEU B 182 3.80 -21.03 -13.63
N GLU B 183 4.73 -21.61 -12.87
CA GLU B 183 5.80 -22.43 -13.44
C GLU B 183 5.24 -23.65 -14.17
N ASP B 184 4.16 -24.20 -13.63
CA ASP B 184 3.53 -25.38 -14.24
C ASP B 184 2.09 -25.46 -13.77
N PRO B 185 1.18 -24.88 -14.54
CA PRO B 185 -0.24 -24.80 -14.19
C PRO B 185 -0.91 -26.17 -13.95
N ALA B 186 -0.29 -27.26 -14.40
CA ALA B 186 -0.85 -28.58 -14.14
C ALA B 186 -0.87 -28.85 -12.63
N ARG B 187 -0.06 -28.10 -11.89
CA ARG B 187 0.05 -28.28 -10.45
C ARG B 187 -1.25 -27.97 -9.69
N ILE B 188 -2.20 -27.33 -10.34
CA ILE B 188 -3.45 -27.02 -9.65
C ILE B 188 -4.13 -28.30 -9.17
N SER B 189 -3.76 -29.42 -9.78
CA SER B 189 -4.36 -30.70 -9.43
C SER B 189 -4.08 -31.06 -7.98
N GLN B 190 -3.08 -30.40 -7.40
CA GLN B 190 -2.74 -30.69 -6.01
C GLN B 190 -3.81 -30.19 -5.05
N TRP B 191 -4.69 -29.33 -5.53
CA TRP B 191 -5.77 -28.77 -4.71
C TRP B 191 -7.10 -29.51 -4.90
N ALA B 192 -7.09 -30.53 -5.77
CA ALA B 192 -8.29 -31.25 -6.16
C ALA B 192 -9.09 -31.83 -4.98
N GLN B 193 -8.41 -32.32 -3.96
CA GLN B 193 -9.08 -33.00 -2.86
C GLN B 193 -9.57 -32.05 -1.77
N TYR B 194 -9.40 -30.75 -2.00
CA TYR B 194 -9.76 -29.75 -0.97
C TYR B 194 -11.00 -28.96 -1.36
N ARG B 195 -11.72 -28.48 -0.35
CA ARG B 195 -12.87 -27.64 -0.59
C ARG B 195 -12.89 -26.49 0.42
N PRO B 196 -13.43 -25.34 0.03
CA PRO B 196 -13.40 -24.21 0.96
C PRO B 196 -14.10 -24.54 2.26
N THR B 197 -13.56 -24.06 3.37
CA THR B 197 -14.12 -24.39 4.67
C THR B 197 -15.52 -23.80 4.92
N CYS B 198 -15.74 -22.55 4.51
CA CYS B 198 -16.97 -21.84 4.83
C CYS B 198 -17.77 -21.32 3.62
N PHE B 199 -17.06 -20.74 2.65
CA PHE B 199 -17.69 -20.05 1.52
C PHE B 199 -17.30 -20.68 0.19
N GLU B 200 -18.29 -20.91 -0.66
CA GLU B 200 -18.03 -21.55 -1.96
C GLU B 200 -17.28 -20.66 -2.95
N THR B 201 -17.37 -19.35 -2.74
CA THR B 201 -16.67 -18.38 -3.60
C THR B 201 -15.89 -17.36 -2.76
N PRO B 202 -14.78 -16.83 -3.32
CA PRO B 202 -13.97 -15.85 -2.61
C PRO B 202 -14.71 -14.52 -2.49
#